data_9IQC
#
_entry.id   9IQC
#
_cell.length_a   64.702
_cell.length_b   64.702
_cell.length_c   230.362
_cell.angle_alpha   90.000
_cell.angle_beta   90.000
_cell.angle_gamma   120.000
#
_symmetry.space_group_name_H-M   'P 61 2 2'
#
loop_
_entity.id
_entity.type
_entity.pdbx_description
1 polymer 'Thymidylate synthase'
2 non-polymer 'FLAVIN-ADENINE DINUCLEOTIDE'
3 non-polymer "2'-DEOXYCYTIDINE-5'-MONOPHOSPHATE"
4 water water
#
_entity_poly.entity_id   1
_entity_poly.type   'polypeptide(L)'
_entity_poly.pdbx_seq_one_letter_code
;MGKHNTMKYIKAADFQSAFKAVNREILENPQFVTDSRIGRCNEIGSMTVVVDTPSSFKMTDPRINRISYEYAEDFWKFMI
SGGTDAKEAFKAYPNVAKFISKPKSDALPANFNTFYGPRIAAQLPALLKELKEKPNSRRVVFQILESSDQALLDSDETLE
YPCTDSVTYYIRDGKLYTHCHMRSQNCAVVMQLDFYLQGKLLHYIANECGVEVGDYTHTMVSAHVFERDFDYVKGFLD
;
_entity_poly.pdbx_strand_id   A
#
loop_
_chem_comp.id
_chem_comp.type
_chem_comp.name
_chem_comp.formula
DCM non-polymer 2'-DEOXYCYTIDINE-5'-MONOPHOSPHATE 'C9 H14 N3 O7 P'
FAD non-polymer 'FLAVIN-ADENINE DINUCLEOTIDE' 'C27 H33 N9 O15 P2'
#
# COMPACT_ATOMS: atom_id res chain seq x y z
N ASN A 5 1.92 -7.45 -25.90
CA ASN A 5 3.09 -7.01 -25.16
C ASN A 5 2.73 -6.46 -23.78
N THR A 6 3.43 -6.96 -22.76
CA THR A 6 3.14 -6.58 -21.39
C THR A 6 3.30 -5.09 -21.20
N MET A 7 2.23 -4.43 -20.76
CA MET A 7 2.24 -2.99 -20.51
C MET A 7 2.62 -2.77 -19.05
N LYS A 8 3.74 -2.10 -18.82
CA LYS A 8 4.24 -1.89 -17.47
C LYS A 8 4.01 -0.48 -16.95
N TYR A 9 3.59 0.44 -17.81
CA TYR A 9 3.36 1.83 -17.43
C TYR A 9 1.89 2.12 -17.67
N ILE A 10 1.18 2.47 -16.60
CA ILE A 10 -0.25 2.66 -16.67
C ILE A 10 -0.56 4.01 -16.06
N LYS A 11 -1.16 4.89 -16.86
CA LYS A 11 -1.59 6.20 -16.40
C LYS A 11 -3.10 6.24 -16.45
N ALA A 12 -3.73 6.65 -15.36
CA ALA A 12 -5.19 6.65 -15.28
C ALA A 12 -5.66 7.91 -14.57
N ALA A 13 -6.91 8.27 -14.85
CA ALA A 13 -7.48 9.48 -14.27
C ALA A 13 -7.69 9.32 -12.76
N ASP A 14 -8.07 8.12 -12.32
CA ASP A 14 -8.47 7.93 -10.94
C ASP A 14 -8.04 6.55 -10.48
N PHE A 15 -8.14 6.33 -9.17
CA PHE A 15 -7.62 5.10 -8.60
C PHE A 15 -8.33 3.88 -9.15
N GLN A 16 -9.64 3.95 -9.35
CA GLN A 16 -10.36 2.78 -9.82
C GLN A 16 -9.97 2.43 -11.25
N SER A 17 -9.80 3.43 -12.12
CA SER A 17 -9.40 3.11 -13.48
C SER A 17 -8.01 2.49 -13.51
N ALA A 18 -7.10 3.01 -12.67
CA ALA A 18 -5.77 2.41 -12.55
C ALA A 18 -5.88 0.98 -12.04
N PHE A 19 -6.67 0.78 -10.98
CA PHE A 19 -6.90 -0.52 -10.39
C PHE A 19 -7.36 -1.53 -11.44
N LYS A 20 -8.37 -1.15 -12.23
CA LYS A 20 -8.90 -2.07 -13.22
C LYS A 20 -7.90 -2.32 -14.33
N ALA A 21 -7.20 -1.28 -14.78
CA ALA A 21 -6.22 -1.47 -15.85
C ALA A 21 -5.06 -2.35 -15.39
N VAL A 22 -4.61 -2.18 -14.14
CA VAL A 22 -3.51 -3.00 -13.63
C VAL A 22 -3.92 -4.46 -13.57
N ASN A 23 -5.10 -4.73 -13.02
CA ASN A 23 -5.55 -6.10 -12.88
C ASN A 23 -5.79 -6.75 -14.23
N ARG A 24 -6.38 -6.00 -15.17
CA ARG A 24 -6.57 -6.54 -16.51
C ARG A 24 -5.24 -6.94 -17.13
N GLU A 25 -4.22 -6.09 -16.99
CA GLU A 25 -2.94 -6.35 -17.65
C GLU A 25 -2.24 -7.55 -17.03
N ILE A 26 -2.31 -7.68 -15.70
CA ILE A 26 -1.70 -8.84 -15.05
C ILE A 26 -2.40 -10.13 -15.47
N LEU A 27 -3.72 -10.07 -15.62
CA LEU A 27 -4.46 -11.26 -16.03
C LEU A 27 -4.17 -11.62 -17.48
N GLU A 28 -4.15 -10.63 -18.36
CA GLU A 28 -4.09 -10.89 -19.79
C GLU A 28 -2.66 -10.98 -20.32
N ASN A 29 -1.72 -10.19 -19.81
CA ASN A 29 -0.37 -10.12 -20.35
C ASN A 29 0.69 -10.22 -19.26
N PRO A 30 0.70 -11.30 -18.49
CA PRO A 30 1.67 -11.39 -17.39
C PRO A 30 3.09 -11.47 -17.94
N GLN A 31 4.02 -10.92 -17.17
CA GLN A 31 5.43 -11.19 -17.45
C GLN A 31 5.84 -12.57 -16.97
N PHE A 32 5.33 -12.97 -15.82
CA PHE A 32 5.63 -14.26 -15.22
C PHE A 32 4.35 -14.92 -14.78
N VAL A 33 4.32 -16.25 -14.88
CA VAL A 33 3.33 -17.06 -14.19
C VAL A 33 4.14 -17.90 -13.21
N THR A 34 3.97 -17.63 -11.92
CA THR A 34 4.96 -18.05 -10.94
C THR A 34 4.32 -18.61 -9.68
N ASP A 35 4.95 -19.64 -9.15
CA ASP A 35 4.61 -20.23 -7.86
C ASP A 35 5.29 -19.44 -6.76
N SER A 36 4.51 -18.68 -5.99
CA SER A 36 5.06 -17.79 -4.99
C SER A 36 5.00 -18.40 -3.59
N ARG A 37 5.54 -17.65 -2.63
CA ARG A 37 5.49 -18.04 -1.23
C ARG A 37 4.08 -18.44 -0.79
N ILE A 38 3.05 -17.80 -1.35
CA ILE A 38 1.68 -18.06 -0.94
C ILE A 38 0.78 -18.39 -2.13
N GLY A 39 1.32 -19.09 -3.12
CA GLY A 39 0.51 -19.67 -4.17
C GLY A 39 0.81 -19.08 -5.55
N ARG A 40 0.21 -19.74 -6.56
CA ARG A 40 0.45 -19.37 -7.95
C ARG A 40 -0.17 -18.02 -8.28
N CYS A 41 0.56 -17.22 -9.06
CA CYS A 41 0.04 -15.91 -9.46
C CYS A 41 0.59 -15.52 -10.82
N ASN A 42 -0.19 -14.70 -11.53
CA ASN A 42 0.33 -13.93 -12.64
C ASN A 42 1.03 -12.70 -12.07
N GLU A 43 2.13 -12.32 -12.70
CA GLU A 43 2.96 -11.28 -12.14
C GLU A 43 3.54 -10.41 -13.26
N ILE A 44 3.62 -9.11 -12.99
CA ILE A 44 4.39 -8.21 -13.85
C ILE A 44 5.40 -7.52 -12.96
N GLY A 45 6.66 -7.59 -13.37
CA GLY A 45 7.71 -6.96 -12.59
C GLY A 45 7.80 -5.47 -12.89
N SER A 46 8.03 -4.69 -11.85
CA SER A 46 8.32 -3.26 -11.94
C SER A 46 7.26 -2.52 -12.77
N MET A 47 6.00 -2.64 -12.33
CA MET A 47 4.94 -1.83 -12.89
C MET A 47 4.98 -0.43 -12.31
N THR A 48 4.64 0.56 -13.13
CA THR A 48 4.50 1.93 -12.68
C THR A 48 3.08 2.37 -12.99
N VAL A 49 2.37 2.86 -11.97
CA VAL A 49 0.99 3.31 -12.13
C VAL A 49 0.91 4.76 -11.71
N VAL A 50 0.29 5.59 -12.56
CA VAL A 50 0.08 7.00 -12.27
C VAL A 50 -1.41 7.25 -12.17
N VAL A 51 -1.82 7.88 -11.07
CA VAL A 51 -3.21 8.29 -10.84
C VAL A 51 -3.25 9.81 -10.86
N ASP A 52 -4.02 10.37 -11.81
CA ASP A 52 -4.01 11.83 -11.98
C ASP A 52 -4.72 12.55 -10.84
N THR A 53 -5.74 11.94 -10.27
CA THR A 53 -6.65 12.61 -9.35
C THR A 53 -6.71 11.80 -8.06
N PRO A 54 -5.79 12.03 -7.13
CA PRO A 54 -5.67 11.14 -5.96
C PRO A 54 -6.79 11.28 -4.94
N SER A 55 -7.67 12.27 -5.07
CA SER A 55 -8.83 12.31 -4.19
C SER A 55 -9.74 11.11 -4.38
N SER A 56 -9.57 10.35 -5.46
CA SER A 56 -10.47 9.27 -5.86
C SER A 56 -10.12 7.93 -5.20
N PHE A 57 -9.51 7.95 -4.01
CA PHE A 57 -8.97 6.71 -3.44
C PHE A 57 -10.05 5.76 -2.95
N LYS A 58 -11.29 6.21 -2.79
CA LYS A 58 -12.39 5.32 -2.49
C LYS A 58 -13.06 4.96 -3.82
N MET A 59 -12.88 3.72 -4.24
CA MET A 59 -13.42 3.30 -5.52
C MET A 59 -14.91 3.07 -5.42
N THR A 60 -15.61 3.34 -6.51
CA THR A 60 -17.07 3.38 -6.50
C THR A 60 -17.71 2.08 -6.95
N ASP A 61 -17.00 1.23 -7.67
CA ASP A 61 -17.59 -0.01 -8.17
C ASP A 61 -17.85 -0.99 -7.02
N PRO A 62 -19.10 -1.31 -6.70
CA PRO A 62 -19.35 -2.19 -5.54
C PRO A 62 -18.94 -3.63 -5.78
N ARG A 63 -18.64 -4.02 -7.02
CA ARG A 63 -18.12 -5.34 -7.27
C ARG A 63 -16.69 -5.50 -6.78
N ILE A 64 -15.97 -4.39 -6.58
CA ILE A 64 -14.63 -4.46 -5.98
C ILE A 64 -14.85 -4.42 -4.47
N ASN A 65 -15.16 -5.59 -3.90
CA ASN A 65 -15.70 -5.65 -2.55
C ASN A 65 -14.87 -6.48 -1.59
N ARG A 66 -13.70 -6.99 -2.00
CA ARG A 66 -12.95 -7.81 -1.06
C ARG A 66 -12.32 -6.98 0.05
N ILE A 67 -12.10 -5.69 -0.18
CA ILE A 67 -11.71 -4.76 0.88
C ILE A 67 -12.90 -3.84 1.07
N SER A 68 -13.68 -4.06 2.13
CA SER A 68 -14.80 -3.17 2.41
C SER A 68 -14.28 -1.82 2.86
N TYR A 69 -15.04 -0.76 2.57
CA TYR A 69 -14.50 0.51 3.01
C TYR A 69 -14.70 0.73 4.51
N GLU A 70 -15.60 -0.04 5.15
CA GLU A 70 -15.61 -0.08 6.60
C GLU A 70 -14.28 -0.61 7.16
N TYR A 71 -13.79 -1.72 6.61
CA TYR A 71 -12.49 -2.23 7.00
C TYR A 71 -11.38 -1.26 6.66
N ALA A 72 -11.42 -0.69 5.45
CA ALA A 72 -10.36 0.23 5.03
C ALA A 72 -10.31 1.44 5.96
N GLU A 73 -11.46 1.97 6.35
CA GLU A 73 -11.46 3.12 7.24
C GLU A 73 -10.98 2.75 8.64
N ASP A 74 -11.39 1.58 9.14
CA ASP A 74 -10.86 1.13 10.43
C ASP A 74 -9.34 0.96 10.36
N PHE A 75 -8.85 0.40 9.26
CA PHE A 75 -7.41 0.24 9.07
C PHE A 75 -6.73 1.61 9.05
N TRP A 76 -7.31 2.55 8.30
CA TRP A 76 -6.77 3.91 8.25
C TRP A 76 -6.69 4.53 9.63
N LYS A 77 -7.79 4.51 10.39
CA LYS A 77 -7.78 5.09 11.72
C LYS A 77 -6.72 4.42 12.59
N PHE A 78 -6.61 3.09 12.49
CA PHE A 78 -5.59 2.38 13.24
C PHE A 78 -4.19 2.83 12.83
N MET A 79 -3.95 2.95 11.52
CA MET A 79 -2.63 3.30 11.04
C MET A 79 -2.26 4.74 11.40
N ILE A 80 -3.15 5.70 11.11
CA ILE A 80 -2.77 7.10 11.34
C ILE A 80 -2.66 7.38 12.84
N SER A 81 -3.39 6.64 13.68
CA SER A 81 -3.27 6.85 15.11
C SER A 81 -1.97 6.29 15.68
N GLY A 82 -1.24 5.51 14.90
CA GLY A 82 0.09 5.10 15.32
C GLY A 82 0.13 4.09 16.45
N GLY A 83 -1.00 3.47 16.78
CA GLY A 83 -1.06 2.56 17.90
C GLY A 83 -0.63 1.15 17.54
N THR A 84 -0.61 0.30 18.56
CA THR A 84 -0.24 -1.10 18.40
C THR A 84 -1.32 -2.06 18.88
N ASP A 85 -2.46 -1.55 19.33
CA ASP A 85 -3.55 -2.41 19.81
C ASP A 85 -4.37 -2.92 18.61
N ALA A 86 -3.70 -3.70 17.77
CA ALA A 86 -4.37 -4.24 16.59
C ALA A 86 -5.47 -5.23 16.96
N LYS A 87 -5.28 -5.97 18.05
CA LYS A 87 -6.30 -6.92 18.48
C LYS A 87 -7.62 -6.21 18.73
N GLU A 88 -7.57 -5.04 19.35
CA GLU A 88 -8.79 -4.27 19.59
C GLU A 88 -9.30 -3.63 18.30
N ALA A 89 -8.39 -3.04 17.51
CA ALA A 89 -8.81 -2.29 16.34
C ALA A 89 -9.48 -3.19 15.31
N PHE A 90 -9.02 -4.43 15.19
CA PHE A 90 -9.50 -5.35 14.17
C PHE A 90 -10.32 -6.50 14.74
N LYS A 91 -10.91 -6.31 15.93
CA LYS A 91 -11.63 -7.42 16.56
C LYS A 91 -12.82 -7.87 15.72
N ALA A 92 -13.37 -6.99 14.90
CA ALA A 92 -14.50 -7.35 14.05
C ALA A 92 -14.08 -8.12 12.80
N TYR A 93 -12.79 -8.37 12.62
CA TYR A 93 -12.27 -9.01 11.41
C TYR A 93 -11.41 -10.18 11.85
N PRO A 94 -12.02 -11.36 12.06
CA PRO A 94 -11.24 -12.52 12.52
C PRO A 94 -10.20 -12.97 11.53
N ASN A 95 -10.41 -12.73 10.24
CA ASN A 95 -9.53 -13.27 9.21
C ASN A 95 -8.16 -12.59 9.18
N VAL A 96 -7.97 -11.48 9.89
CA VAL A 96 -6.67 -10.80 9.87
C VAL A 96 -5.82 -11.24 11.06
N ALA A 97 -6.33 -12.20 11.84
CA ALA A 97 -5.71 -12.54 13.13
C ALA A 97 -4.24 -12.92 12.97
N LYS A 98 -3.88 -13.62 11.89
CA LYS A 98 -2.49 -14.06 11.76
C LYS A 98 -1.55 -12.91 11.44
N PHE A 99 -2.07 -11.73 11.09
CA PHE A 99 -1.23 -10.58 10.81
C PHE A 99 -1.05 -9.64 11.99
N ILE A 100 -1.76 -9.88 13.09
CA ILE A 100 -1.77 -8.96 14.21
C ILE A 100 -1.34 -9.64 15.51
N SER A 101 -0.91 -10.89 15.44
CA SER A 101 -0.55 -11.66 16.63
C SER A 101 0.86 -11.33 17.11
N LYS A 102 1.15 -11.71 18.34
CA LYS A 102 2.47 -11.48 18.91
C LYS A 102 3.50 -12.38 18.23
N PRO A 103 4.75 -11.92 18.11
CA PRO A 103 5.80 -12.77 17.56
C PRO A 103 5.93 -14.08 18.34
N LYS A 104 6.00 -15.18 17.60
CA LYS A 104 6.13 -16.50 18.22
C LYS A 104 7.58 -16.80 18.59
N SER A 105 8.53 -16.37 17.76
CA SER A 105 9.93 -16.72 17.95
C SER A 105 10.57 -15.88 19.05
N ASP A 106 11.43 -16.52 19.84
CA ASP A 106 12.21 -15.82 20.85
C ASP A 106 13.26 -14.90 20.23
N ALA A 107 13.57 -15.08 18.94
CA ALA A 107 14.65 -14.33 18.31
C ALA A 107 14.41 -12.83 18.40
N LEU A 108 13.27 -12.35 17.87
CA LEU A 108 12.95 -10.94 17.94
C LEU A 108 12.03 -10.65 19.11
N PRO A 109 12.05 -9.42 19.64
CA PRO A 109 11.28 -9.12 20.85
C PRO A 109 9.79 -9.34 20.67
N ALA A 110 9.08 -9.38 21.80
CA ALA A 110 7.64 -9.55 21.78
C ALA A 110 6.90 -8.24 21.49
N ASN A 111 7.59 -7.10 21.61
CA ASN A 111 7.01 -5.84 21.17
C ASN A 111 7.20 -5.60 19.68
N PHE A 112 7.96 -6.47 19.01
CA PHE A 112 8.19 -6.32 17.58
C PHE A 112 6.88 -6.43 16.82
N ASN A 113 6.67 -5.49 15.91
CA ASN A 113 5.55 -5.58 14.98
C ASN A 113 5.98 -4.90 13.69
N THR A 114 5.20 -5.14 12.65
CA THR A 114 5.44 -4.49 11.36
C THR A 114 4.28 -3.59 10.97
N PHE A 115 3.56 -3.05 11.95
CA PHE A 115 2.50 -2.11 11.64
C PHE A 115 3.08 -0.84 11.05
N TYR A 116 2.42 -0.31 10.01
CA TYR A 116 2.92 0.89 9.36
C TYR A 116 2.79 2.09 10.27
N GLY A 117 1.70 2.15 11.04
CA GLY A 117 1.34 3.33 11.79
C GLY A 117 2.44 3.88 12.68
N PRO A 118 3.00 3.04 13.56
CA PRO A 118 4.05 3.54 14.45
C PRO A 118 5.27 4.03 13.70
N ARG A 119 5.57 3.43 12.53
CA ARG A 119 6.72 3.89 11.76
C ARG A 119 6.43 5.23 11.10
N ILE A 120 5.22 5.41 10.55
CA ILE A 120 4.81 6.71 10.05
C ILE A 120 4.87 7.74 11.17
N ALA A 121 4.33 7.37 12.35
CA ALA A 121 4.30 8.31 13.47
C ALA A 121 5.71 8.71 13.90
N ALA A 122 6.64 7.76 13.93
CA ALA A 122 8.01 8.07 14.35
C ALA A 122 8.66 9.06 13.41
N GLN A 123 8.40 8.94 12.12
CA GLN A 123 9.06 9.78 11.13
C GLN A 123 8.35 11.08 10.83
N LEU A 124 7.07 11.19 11.18
CA LEU A 124 6.28 12.37 10.81
C LEU A 124 6.93 13.67 11.25
N PRO A 125 7.39 13.84 12.49
CA PRO A 125 7.96 15.15 12.89
C PRO A 125 9.12 15.59 12.01
N ALA A 126 10.11 14.72 11.79
CA ALA A 126 11.28 15.12 11.00
C ALA A 126 10.90 15.31 9.54
N LEU A 127 10.05 14.44 9.00
CA LEU A 127 9.71 14.52 7.59
C LEU A 127 8.79 15.69 7.28
N LEU A 128 7.84 16.00 8.19
CA LEU A 128 7.01 17.17 7.98
C LEU A 128 7.83 18.46 8.05
N LYS A 129 8.78 18.52 8.98
CA LYS A 129 9.63 19.71 9.07
C LYS A 129 10.40 19.92 7.77
N GLU A 130 11.03 18.86 7.25
CA GLU A 130 11.70 18.97 5.96
C GLU A 130 10.74 19.40 4.88
N LEU A 131 9.58 18.76 4.81
CA LEU A 131 8.62 19.04 3.74
C LEU A 131 8.13 20.48 3.80
N LYS A 132 7.96 21.00 5.02
CA LYS A 132 7.43 22.36 5.18
C LYS A 132 8.49 23.43 5.04
N GLU A 133 9.72 23.16 5.49
CA GLU A 133 10.72 24.20 5.70
C GLU A 133 11.86 24.20 4.70
N LYS A 134 12.15 23.08 4.04
CA LYS A 134 13.21 23.07 3.04
C LYS A 134 12.56 23.16 1.67
N PRO A 135 12.63 24.31 0.99
CA PRO A 135 11.90 24.47 -0.27
C PRO A 135 12.36 23.46 -1.31
N ASN A 136 11.39 22.82 -1.96
CA ASN A 136 11.64 21.90 -3.07
C ASN A 136 12.54 20.75 -2.67
N SER A 137 12.43 20.34 -1.40
CA SER A 137 13.20 19.20 -0.91
C SER A 137 12.91 17.95 -1.74
N ARG A 138 13.95 17.14 -1.92
CA ARG A 138 13.81 15.80 -2.46
C ARG A 138 13.93 14.74 -1.39
N ARG A 139 13.98 15.14 -0.12
CA ARG A 139 14.47 14.26 0.93
C ARG A 139 13.37 13.60 1.75
N VAL A 140 12.10 13.85 1.44
CA VAL A 140 10.99 13.47 2.32
C VAL A 140 10.53 12.08 1.92
N VAL A 141 11.08 11.06 2.58
CA VAL A 141 10.77 9.66 2.29
C VAL A 141 10.40 8.95 3.57
N PHE A 142 9.14 8.50 3.66
CA PHE A 142 8.72 7.63 4.74
C PHE A 142 9.21 6.21 4.46
N GLN A 143 10.04 5.70 5.33
CA GLN A 143 10.49 4.31 5.21
C GLN A 143 9.47 3.42 5.90
N ILE A 144 8.95 2.43 5.17
CA ILE A 144 8.05 1.47 5.77
C ILE A 144 8.84 0.18 5.99
N LEU A 145 9.07 -0.57 4.92
CA LEU A 145 9.97 -1.73 5.03
C LEU A 145 11.34 -1.27 5.55
N GLU A 146 11.84 -1.99 6.55
CA GLU A 146 13.10 -1.70 7.25
C GLU A 146 14.01 -2.90 7.13
N SER A 147 15.33 -2.67 7.14
CA SER A 147 16.23 -3.82 7.08
C SER A 147 16.08 -4.69 8.33
N SER A 148 15.69 -4.11 9.47
CA SER A 148 15.46 -4.93 10.66
C SER A 148 14.30 -5.90 10.45
N ASP A 149 13.42 -5.66 9.47
CA ASP A 149 12.39 -6.65 9.14
C ASP A 149 12.96 -7.93 8.55
N GLN A 150 14.21 -7.92 8.11
CA GLN A 150 14.75 -9.12 7.49
C GLN A 150 14.89 -10.27 8.47
N ALA A 151 14.80 -10.00 9.78
CA ALA A 151 14.74 -11.09 10.77
C ALA A 151 13.53 -11.99 10.55
N LEU A 152 12.51 -11.52 9.83
CA LEU A 152 11.34 -12.33 9.55
C LEU A 152 11.57 -13.37 8.45
N LEU A 153 12.61 -13.18 7.62
CA LEU A 153 12.71 -13.96 6.39
C LEU A 153 12.87 -15.44 6.68
N ASP A 154 13.74 -15.80 7.60
CA ASP A 154 13.99 -17.21 7.90
C ASP A 154 13.26 -17.66 9.16
N SER A 155 12.03 -17.18 9.35
CA SER A 155 11.22 -17.54 10.51
C SER A 155 9.90 -18.12 10.06
N ASP A 156 9.16 -18.66 11.03
CA ASP A 156 7.83 -19.20 10.77
C ASP A 156 6.74 -18.20 11.09
N GLU A 157 7.09 -16.92 11.24
CA GLU A 157 6.11 -15.91 11.62
C GLU A 157 5.14 -15.65 10.49
N THR A 158 3.92 -15.24 10.85
CA THR A 158 2.92 -14.86 9.88
C THR A 158 2.78 -13.35 9.76
N LEU A 159 3.51 -12.59 10.57
CA LEU A 159 3.49 -11.14 10.48
C LEU A 159 3.88 -10.68 9.09
N GLU A 160 3.28 -9.57 8.66
CA GLU A 160 3.62 -9.03 7.35
C GLU A 160 5.08 -8.59 7.32
N TYR A 161 5.83 -9.14 6.39
CA TYR A 161 7.09 -8.51 6.01
C TYR A 161 6.70 -7.38 5.06
N PRO A 162 6.87 -6.10 5.47
CA PRO A 162 6.17 -5.00 4.80
C PRO A 162 6.21 -5.03 3.28
N CYS A 163 5.01 -5.05 2.70
CA CYS A 163 4.86 -5.00 1.25
C CYS A 163 5.15 -3.61 0.72
N THR A 164 4.92 -2.58 1.52
CA THR A 164 5.19 -1.21 1.17
C THR A 164 6.63 -0.88 1.53
N ASP A 165 7.41 -0.44 0.55
CA ASP A 165 8.82 -0.15 0.78
C ASP A 165 9.01 1.26 1.32
N SER A 166 8.54 2.26 0.58
CA SER A 166 8.65 3.64 1.04
C SER A 166 7.59 4.49 0.36
N VAL A 167 7.35 5.66 0.93
CA VAL A 167 6.45 6.65 0.35
C VAL A 167 7.18 7.98 0.36
N THR A 168 7.38 8.55 -0.82
CA THR A 168 8.11 9.81 -0.97
C THR A 168 7.10 10.91 -1.27
N TYR A 169 7.24 12.03 -0.58
CA TYR A 169 6.42 13.20 -0.80
C TYR A 169 7.31 14.34 -1.24
N TYR A 170 6.84 15.13 -2.20
CA TYR A 170 7.57 16.34 -2.51
C TYR A 170 6.58 17.39 -3.00
N ILE A 171 6.95 18.64 -2.82
CA ILE A 171 6.08 19.77 -3.14
C ILE A 171 6.78 20.63 -4.18
N ARG A 172 6.08 20.90 -5.27
CA ARG A 172 6.56 21.80 -6.32
C ARG A 172 5.42 22.73 -6.68
N ASP A 173 5.68 24.03 -6.66
CA ASP A 173 4.71 25.02 -7.16
C ASP A 173 3.35 24.82 -6.52
N GLY A 174 3.34 24.65 -5.19
CA GLY A 174 2.12 24.62 -4.42
C GLY A 174 1.38 23.30 -4.41
N LYS A 175 1.95 22.22 -4.97
CA LYS A 175 1.25 20.95 -5.07
C LYS A 175 2.10 19.82 -4.51
N LEU A 176 1.44 18.93 -3.75
CA LEU A 176 2.06 17.75 -3.17
C LEU A 176 2.03 16.59 -4.16
N TYR A 177 3.21 16.03 -4.45
CA TYR A 177 3.34 14.85 -5.31
C TYR A 177 3.76 13.68 -4.44
N THR A 178 3.25 12.49 -4.77
CA THR A 178 3.43 11.31 -3.96
C THR A 178 3.95 10.16 -4.81
N HIS A 179 4.95 9.46 -4.30
CA HIS A 179 5.44 8.25 -4.97
C HIS A 179 5.51 7.13 -3.95
N CYS A 180 4.58 6.19 -4.06
CA CYS A 180 4.56 5.00 -3.23
C CYS A 180 5.29 3.87 -3.94
N HIS A 181 6.36 3.39 -3.35
CA HIS A 181 7.13 2.27 -3.92
C HIS A 181 6.77 1.01 -3.15
N MET A 182 6.10 0.07 -3.82
CA MET A 182 5.74 -1.21 -3.25
C MET A 182 6.78 -2.26 -3.62
N ARG A 183 7.28 -2.96 -2.61
CA ARG A 183 8.04 -4.18 -2.87
C ARG A 183 7.15 -5.23 -3.52
N SER A 184 5.93 -5.39 -3.01
CA SER A 184 5.10 -6.52 -3.39
C SER A 184 3.65 -6.08 -3.30
N GLN A 185 2.88 -6.31 -4.36
CA GLN A 185 1.49 -5.85 -4.38
C GLN A 185 0.58 -6.96 -4.89
N ASN A 186 -0.37 -7.37 -4.05
CA ASN A 186 -1.50 -8.17 -4.48
C ASN A 186 -2.47 -7.18 -5.13
N CYS A 187 -2.50 -7.15 -6.46
CA CYS A 187 -3.19 -6.08 -7.17
C CYS A 187 -4.70 -6.25 -7.14
N ALA A 188 -5.20 -7.48 -6.97
CA ALA A 188 -6.65 -7.69 -7.01
C ALA A 188 -7.32 -7.35 -5.69
N VAL A 189 -6.65 -7.63 -4.58
CA VAL A 189 -7.29 -7.51 -3.28
C VAL A 189 -6.64 -6.40 -2.47
N VAL A 190 -5.43 -6.64 -1.96
CA VAL A 190 -4.87 -5.70 -0.99
C VAL A 190 -4.62 -4.33 -1.60
N MET A 191 -4.37 -4.24 -2.91
CA MET A 191 -4.14 -2.93 -3.53
C MET A 191 -5.33 -2.00 -3.35
N GLN A 192 -6.53 -2.55 -3.23
CA GLN A 192 -7.65 -1.69 -2.88
C GLN A 192 -7.43 -1.02 -1.54
N LEU A 193 -6.93 -1.76 -0.55
CA LEU A 193 -6.62 -1.18 0.74
C LEU A 193 -5.44 -0.22 0.63
N ASP A 194 -4.37 -0.64 -0.04
CA ASP A 194 -3.19 0.23 -0.15
C ASP A 194 -3.54 1.55 -0.83
N PHE A 195 -4.36 1.50 -1.88
CA PHE A 195 -4.79 2.74 -2.54
C PHE A 195 -5.56 3.63 -1.56
N TYR A 196 -6.41 3.03 -0.73
CA TYR A 196 -7.18 3.80 0.24
C TYR A 196 -6.26 4.44 1.27
N LEU A 197 -5.36 3.63 1.85
CA LEU A 197 -4.46 4.14 2.87
C LEU A 197 -3.54 5.22 2.31
N GLN A 198 -2.99 4.99 1.11
CA GLN A 198 -2.08 5.98 0.55
C GLN A 198 -2.82 7.24 0.11
N GLY A 199 -4.06 7.09 -0.36
CA GLY A 199 -4.86 8.27 -0.66
C GLY A 199 -5.16 9.09 0.59
N LYS A 200 -5.54 8.41 1.68
CA LYS A 200 -5.78 9.11 2.94
C LYS A 200 -4.50 9.77 3.45
N LEU A 201 -3.40 9.03 3.41
CA LEU A 201 -2.17 9.56 3.97
C LEU A 201 -1.70 10.80 3.20
N LEU A 202 -1.76 10.76 1.87
CA LEU A 202 -1.24 11.91 1.14
C LEU A 202 -2.12 13.12 1.34
N HIS A 203 -3.42 12.92 1.51
CA HIS A 203 -4.27 14.07 1.83
C HIS A 203 -4.01 14.56 3.24
N TYR A 204 -3.71 13.65 4.16
CA TYR A 204 -3.28 14.07 5.49
C TYR A 204 -2.04 14.95 5.41
N ILE A 205 -1.05 14.48 4.65
CA ILE A 205 0.20 15.23 4.51
C ILE A 205 -0.07 16.58 3.84
N ALA A 206 -0.85 16.58 2.75
CA ALA A 206 -1.10 17.82 2.03
C ALA A 206 -1.78 18.84 2.94
N ASN A 207 -2.73 18.37 3.74
CA ASN A 207 -3.43 19.27 4.65
C ASN A 207 -2.50 19.83 5.71
N GLU A 208 -1.63 18.99 6.28
CA GLU A 208 -0.64 19.46 7.25
C GLU A 208 0.24 20.54 6.65
N CYS A 209 0.55 20.44 5.37
CA CYS A 209 1.42 21.39 4.70
C CYS A 209 0.67 22.56 4.08
N GLY A 210 -0.66 22.54 4.10
CA GLY A 210 -1.43 23.62 3.52
C GLY A 210 -1.32 23.72 2.01
N VAL A 211 -1.13 22.60 1.31
CA VAL A 211 -0.95 22.62 -0.13
C VAL A 211 -2.02 21.76 -0.77
N GLU A 212 -2.21 21.96 -2.07
CA GLU A 212 -3.12 21.14 -2.84
C GLU A 212 -2.37 19.92 -3.36
N VAL A 213 -3.11 18.99 -3.94
CA VAL A 213 -2.56 17.69 -4.31
C VAL A 213 -2.25 17.68 -5.80
N GLY A 214 -1.08 17.13 -6.17
CA GLY A 214 -0.75 16.90 -7.56
C GLY A 214 -1.22 15.53 -7.99
N ASP A 215 -0.29 14.63 -8.32
CA ASP A 215 -0.71 13.30 -8.69
C ASP A 215 0.00 12.26 -7.83
N TYR A 216 -0.31 11.00 -8.09
CA TYR A 216 0.12 9.88 -7.27
C TYR A 216 0.76 8.83 -8.16
N THR A 217 1.97 8.39 -7.81
CA THR A 217 2.65 7.36 -8.56
C THR A 217 2.86 6.17 -7.65
N HIS A 218 2.65 4.98 -8.22
CA HIS A 218 2.60 3.72 -7.48
C HIS A 218 3.50 2.77 -8.26
N THR A 219 4.70 2.51 -7.75
CA THR A 219 5.57 1.52 -8.38
C THR A 219 5.51 0.22 -7.59
N MET A 220 5.61 -0.88 -8.32
CA MET A 220 5.46 -2.20 -7.71
C MET A 220 6.52 -3.11 -8.30
N VAL A 221 7.47 -3.55 -7.48
CA VAL A 221 8.49 -4.44 -8.00
C VAL A 221 7.85 -5.76 -8.44
N SER A 222 6.97 -6.31 -7.61
CA SER A 222 6.10 -7.40 -8.00
C SER A 222 4.66 -6.91 -7.97
N ALA A 223 4.01 -6.88 -9.13
CA ALA A 223 2.58 -6.61 -9.23
C ALA A 223 1.92 -7.92 -9.64
N HIS A 224 1.12 -8.50 -8.75
CA HIS A 224 0.66 -9.86 -9.01
C HIS A 224 -0.82 -10.03 -8.69
N VAL A 225 -1.41 -11.03 -9.33
CA VAL A 225 -2.77 -11.46 -9.04
C VAL A 225 -2.72 -12.97 -8.89
N PHE A 226 -3.17 -13.47 -7.75
CA PHE A 226 -3.18 -14.91 -7.53
C PHE A 226 -4.22 -15.57 -8.42
N GLU A 227 -3.88 -16.74 -8.95
CA GLU A 227 -4.81 -17.47 -9.79
C GLU A 227 -6.13 -17.71 -9.10
N ARG A 228 -6.11 -17.90 -7.78
CA ARG A 228 -7.32 -18.12 -7.01
C ARG A 228 -8.26 -16.91 -7.04
N ASP A 229 -7.78 -15.75 -7.50
CA ASP A 229 -8.60 -14.54 -7.55
C ASP A 229 -8.95 -14.13 -8.97
N PHE A 230 -8.66 -14.97 -9.98
CA PHE A 230 -8.96 -14.59 -11.35
C PHE A 230 -10.45 -14.40 -11.57
N ASP A 231 -11.28 -15.27 -10.98
CA ASP A 231 -12.73 -15.11 -11.15
C ASP A 231 -13.19 -13.80 -10.53
N TYR A 232 -12.68 -13.49 -9.34
CA TYR A 232 -13.03 -12.22 -8.70
C TYR A 232 -12.67 -11.04 -9.60
N VAL A 233 -11.46 -11.06 -10.17
CA VAL A 233 -11.05 -9.96 -11.04
C VAL A 233 -11.96 -9.88 -12.26
N LYS A 234 -12.25 -11.03 -12.89
CA LYS A 234 -13.13 -11.01 -14.04
C LYS A 234 -14.51 -10.46 -13.68
N GLY A 235 -14.92 -10.64 -12.43
CA GLY A 235 -16.21 -10.14 -12.00
C GLY A 235 -16.33 -8.63 -12.00
N PHE A 236 -15.22 -7.90 -11.87
CA PHE A 236 -15.32 -6.45 -11.89
C PHE A 236 -14.72 -5.82 -13.14
N LEU A 237 -14.17 -6.62 -14.06
CA LEU A 237 -13.78 -6.09 -15.35
C LEU A 237 -14.99 -6.21 -16.28
N ASP A 238 -15.25 -5.15 -17.05
CA ASP A 238 -16.55 -4.91 -17.72
C ASP A 238 -17.70 -4.60 -16.74
PA FAD B . -9.32 -13.86 3.34
O1A FAD B . -9.48 -13.72 4.81
O2A FAD B . -7.93 -14.37 2.92
O5B FAD B . -10.46 -14.80 2.75
C5B FAD B . -11.85 -14.57 3.06
C4B FAD B . -12.40 -15.65 3.96
O4B FAD B . -13.50 -16.32 3.30
C3B FAD B . -11.41 -16.74 4.37
O3B FAD B . -11.63 -17.14 5.72
C2B FAD B . -11.73 -17.87 3.39
O2B FAD B . -11.42 -19.14 3.94
C1B FAD B . -13.24 -17.72 3.22
N9A FAD B . -13.77 -18.20 1.95
C8A FAD B . -14.55 -17.50 1.06
N7A FAD B . -14.89 -18.19 -0.01
C5A FAD B . -14.29 -19.42 0.19
C6A FAD B . -14.28 -20.60 -0.59
N6A FAD B . -14.90 -20.73 -1.76
N1A FAD B . -13.59 -21.66 -0.11
C2A FAD B . -12.97 -21.54 1.07
N3A FAD B . -12.92 -20.48 1.89
C4A FAD B . -13.61 -19.45 1.39
N1 FAD B . -3.11 -9.51 3.72
C2 FAD B . -2.18 -9.98 2.83
O2 FAD B . -2.52 -10.63 1.84
N3 FAD B . -0.84 -9.73 3.06
C4 FAD B . -0.31 -9.02 4.13
O4 FAD B . 0.90 -8.85 4.22
C4X FAD B . -1.30 -8.53 5.06
N5 FAD B . -0.89 -7.85 6.10
C5X FAD B . -1.84 -7.37 6.99
C6 FAD B . -1.42 -6.65 8.10
C7 FAD B . -2.33 -6.16 9.02
C7M FAD B . -1.84 -5.38 10.21
C8 FAD B . -3.70 -6.41 8.84
C8M FAD B . -4.72 -5.89 9.82
C9 FAD B . -4.13 -7.13 7.72
C9A FAD B . -3.21 -7.62 6.81
N10 FAD B . -3.60 -8.37 5.68
C10 FAD B . -2.68 -8.83 4.78
C1' FAD B . -5.03 -8.63 5.40
C2' FAD B . -5.61 -7.66 4.39
O2' FAD B . -5.65 -6.33 4.94
C3' FAD B . -7.01 -8.13 3.96
O3' FAD B . -7.77 -8.43 5.12
C4' FAD B . -6.91 -9.39 3.10
O4' FAD B . -5.97 -9.17 2.06
C5' FAD B . -8.23 -9.85 2.52
O5' FAD B . -7.97 -10.89 1.56
P FAD B . -9.06 -11.98 1.20
O1P FAD B . -10.25 -11.28 0.53
O2P FAD B . -8.42 -13.10 0.46
O3P FAD B . -9.55 -12.46 2.64
N1 DCM C . 0.62 -7.34 0.37
C2 DCM C . 0.00 -6.20 -0.35
N3 DCM C . -0.08 -4.91 0.33
C4 DCM C . 0.40 -4.75 1.67
C5 DCM C . 1.03 -5.91 2.39
C6 DCM C . 1.19 -7.22 1.71
O2 DCM C . -0.44 -6.34 -1.46
N4 DCM C . 0.29 -3.46 2.30
C1' DCM C . 0.62 -8.63 -0.31
C2' DCM C . 1.76 -8.86 -1.37
C3' DCM C . 1.80 -10.37 -1.30
C4' DCM C . 1.68 -10.66 0.02
O4' DCM C . 0.70 -9.55 0.61
O3' DCM C . 0.63 -10.91 -2.03
C5' DCM C . 2.97 -10.51 0.75
O5' DCM C . 3.70 -11.71 0.48
P DCM C . 5.31 -11.58 0.17
O1P DCM C . 6.03 -11.07 1.39
O2P DCM C . 5.73 -12.97 -0.21
O3P DCM C . 5.53 -10.64 -1.00
#